data_3VV4
#
_entry.id   3VV4
#
_cell.length_a   72.868
_cell.length_b   72.868
_cell.length_c   166.667
_cell.angle_alpha   90.00
_cell.angle_beta   90.00
_cell.angle_gamma   120.00
#
_symmetry.space_group_name_H-M   'P 65'
#
loop_
_entity.id
_entity.type
_entity.pdbx_description
1 polymer 'Methyl-accepting chemotaxis protein'
2 non-polymer 'Phycoviolobilin, green light-absorbing form'
3 non-polymer 'SULFATE ION'
4 water water
#
_entity_poly.entity_id   1
_entity_poly.type   'polypeptide(L)'
_entity_poly.pdbx_seq_one_letter_code
;MGGSHHHHHHGMASMTGGQQMGRDLYDDDDKDHMAAVQLSELRDRQAIFETLVAKGRELLACDRVIVYAFDDNYVGTVVA
ESVAEGWPQARDQVIEDPCFREHWVEAYRQGRIQATTDIFKAGLTECHLNQLRPLKVRANLVVPMVIDDQLFGLLIAHQC
SEPRQWQEIEIDQFSELASTGSLVLERLHFLEQTIA
;
_entity_poly.pdbx_strand_id   A,B
#
loop_
_chem_comp.id
_chem_comp.type
_chem_comp.name
_chem_comp.formula
PVG non-polymer 'Phycoviolobilin, green light-absorbing form' 'C33 H40 N4 O6'
SO4 non-polymer 'SULFATE ION' 'O4 S -2'
#
# COMPACT_ATOMS: atom_id res chain seq x y z
N LEU A 39 2.52 -8.61 25.95
CA LEU A 39 2.98 -8.93 24.53
C LEU A 39 2.62 -10.36 24.16
N SER A 40 2.97 -11.29 25.04
CA SER A 40 2.82 -12.70 24.75
C SER A 40 1.37 -13.06 24.54
N GLU A 41 0.48 -12.19 25.00
CA GLU A 41 -0.93 -12.48 24.95
C GLU A 41 -1.62 -11.83 23.74
N LEU A 42 -0.91 -10.93 23.03
CA LEU A 42 -1.52 -10.24 21.86
C LEU A 42 -1.83 -11.25 20.73
N ARG A 43 -3.05 -11.16 20.16
CA ARG A 43 -3.45 -12.00 19.02
C ARG A 43 -3.84 -11.17 17.76
N ASP A 44 -3.30 -9.96 17.67
CA ASP A 44 -3.54 -9.06 16.54
C ASP A 44 -2.20 -8.47 15.96
N ARG A 45 -1.96 -8.68 14.67
CA ARG A 45 -0.69 -8.25 14.03
C ARG A 45 -0.30 -6.80 14.34
N GLN A 46 -1.23 -5.86 14.09
CA GLN A 46 -0.92 -4.46 14.21
C GLN A 46 -0.61 -4.08 15.69
N ALA A 47 -1.36 -4.68 16.63
CA ALA A 47 -1.12 -4.49 18.07
C ALA A 47 0.26 -4.97 18.46
N ILE A 48 0.69 -6.06 17.85
CA ILE A 48 2.02 -6.54 18.12
C ILE A 48 3.05 -5.52 17.63
N PHE A 49 2.84 -5.00 16.42
CA PHE A 49 3.81 -4.13 15.80
C PHE A 49 3.87 -2.83 16.60
N GLU A 50 2.71 -2.31 16.99
CA GLU A 50 2.70 -1.09 17.78
C GLU A 50 3.31 -1.26 19.18
N THR A 51 3.08 -2.42 19.81
CA THR A 51 3.74 -2.74 21.10
C THR A 51 5.27 -2.76 20.99
N LEU A 52 5.78 -3.45 19.94
CA LEU A 52 7.19 -3.61 19.75
C LEU A 52 7.85 -2.23 19.64
N VAL A 53 7.22 -1.39 18.87
CA VAL A 53 7.72 -0.12 18.55
C VAL A 53 7.70 0.80 19.84
N ALA A 54 6.65 0.72 20.65
CA ALA A 54 6.62 1.47 21.90
C ALA A 54 7.59 0.92 22.91
N LYS A 55 7.64 -0.40 23.05
CA LYS A 55 8.54 -0.97 24.02
C LYS A 55 9.99 -0.73 23.60
N GLY A 56 10.23 -0.74 22.30
CA GLY A 56 11.61 -0.62 21.80
C GLY A 56 12.16 0.76 22.11
N ARG A 57 11.35 1.79 21.87
CA ARG A 57 11.81 3.16 22.10
C ARG A 57 11.96 3.40 23.60
N GLU A 58 11.05 2.83 24.37
CA GLU A 58 11.18 2.92 25.82
C GLU A 58 12.47 2.24 26.31
N LEU A 59 12.70 1.03 25.81
CA LEU A 59 13.84 0.26 26.15
C LEU A 59 15.15 1.03 25.91
N LEU A 60 15.27 1.65 24.72
CA LEU A 60 16.54 2.30 24.28
C LEU A 60 16.61 3.81 24.57
N ALA A 61 15.46 4.41 24.92
CA ALA A 61 15.34 5.86 25.03
C ALA A 61 15.94 6.56 23.81
N CYS A 62 15.68 6.02 22.62
CA CYS A 62 16.20 6.63 21.41
C CYS A 62 15.16 7.52 20.72
N ASP A 63 15.49 8.03 19.54
CA ASP A 63 14.60 9.04 18.94
C ASP A 63 13.41 8.40 18.15
N ARG A 64 13.62 7.23 17.55
CA ARG A 64 12.57 6.56 16.73
C ARG A 64 12.80 5.07 16.79
N VAL A 65 11.71 4.30 16.88
CA VAL A 65 11.76 2.85 16.60
C VAL A 65 10.66 2.51 15.57
N ILE A 66 11.01 1.65 14.64
CA ILE A 66 10.19 1.33 13.53
C ILE A 66 10.14 -0.18 13.34
N VAL A 67 9.00 -0.73 12.87
CA VAL A 67 9.00 -2.11 12.33
C VAL A 67 8.85 -2.04 10.81
N TYR A 68 9.82 -2.61 10.10
CA TYR A 68 9.75 -2.76 8.69
C TYR A 68 9.35 -4.21 8.42
N ALA A 69 8.07 -4.45 8.13
CA ALA A 69 7.55 -5.84 8.04
C ALA A 69 7.47 -6.41 6.60
N PHE A 70 7.74 -7.70 6.45
CA PHE A 70 7.78 -8.37 5.14
C PHE A 70 6.48 -9.11 4.87
N ASP A 71 5.92 -8.90 3.68
CA ASP A 71 4.90 -9.79 3.13
C ASP A 71 5.54 -11.13 2.68
N ASP A 72 4.73 -12.04 2.10
CA ASP A 72 5.20 -13.34 1.56
C ASP A 72 6.26 -13.25 0.45
N ASN A 73 6.33 -12.11 -0.23
CA ASN A 73 7.38 -11.95 -1.28
C ASN A 73 8.65 -11.27 -0.75
N TYR A 74 8.73 -11.11 0.56
CA TYR A 74 9.88 -10.47 1.17
C TYR A 74 10.05 -9.08 0.60
N VAL A 75 8.93 -8.44 0.37
CA VAL A 75 8.88 -7.06 0.10
C VAL A 75 8.39 -6.42 1.37
N GLY A 76 8.98 -5.29 1.72
CA GLY A 76 8.85 -4.75 3.08
C GLY A 76 8.24 -3.36 3.07
N THR A 77 7.61 -3.02 4.18
CA THR A 77 6.96 -1.75 4.37
C THR A 77 7.13 -1.36 5.79
N VAL A 78 7.21 -0.04 6.07
CA VAL A 78 7.15 0.42 7.47
C VAL A 78 5.71 0.32 7.99
N VAL A 79 5.47 -0.47 9.02
CA VAL A 79 4.07 -0.74 9.48
C VAL A 79 3.77 -0.09 10.86
N ALA A 80 4.81 0.36 11.56
CA ALA A 80 4.63 1.05 12.83
C ALA A 80 5.85 1.87 13.19
N GLU A 81 5.64 2.91 13.98
CA GLU A 81 6.67 3.83 14.33
C GLU A 81 6.38 4.46 15.71
N SER A 82 7.40 4.54 16.57
CA SER A 82 7.29 5.32 17.80
C SER A 82 8.40 6.36 17.72
N VAL A 83 8.02 7.62 17.83
CA VAL A 83 9.00 8.66 17.52
C VAL A 83 8.95 9.76 18.59
N ALA A 84 10.10 10.21 19.08
CA ALA A 84 10.11 11.33 20.08
C ALA A 84 9.55 12.63 19.47
N GLU A 85 8.96 13.47 20.31
CA GLU A 85 8.26 14.60 19.79
C GLU A 85 9.21 15.46 19.01
N GLY A 86 8.77 15.90 17.84
CA GLY A 86 9.49 16.90 17.09
C GLY A 86 10.27 16.30 15.93
N TRP A 87 10.63 15.02 16.04
CA TRP A 87 11.30 14.28 14.91
C TRP A 87 10.37 13.82 13.77
N PRO A 88 10.92 13.74 12.53
CA PRO A 88 10.11 13.41 11.36
C PRO A 88 9.43 12.05 11.50
N GLN A 89 8.19 11.93 11.02
CA GLN A 89 7.46 10.63 11.04
C GLN A 89 7.55 9.98 9.69
N ALA A 90 7.88 8.68 9.64
CA ALA A 90 8.07 7.95 8.35
C ALA A 90 6.95 8.19 7.39
N ARG A 91 5.72 8.17 7.90
CA ARG A 91 4.53 8.23 7.04
C ARG A 91 4.32 9.62 6.45
N ASP A 92 5.05 10.61 6.93
CA ASP A 92 5.00 11.94 6.28
C ASP A 92 6.01 12.12 5.16
N GLN A 93 6.82 11.09 4.88
CA GLN A 93 7.87 11.16 3.87
C GLN A 93 7.54 10.26 2.70
N VAL A 94 8.06 10.59 1.52
CA VAL A 94 8.07 9.63 0.41
C VAL A 94 9.46 9.15 0.26
N ILE A 95 9.68 7.89 0.60
CA ILE A 95 11.01 7.37 0.65
C ILE A 95 11.11 6.30 -0.40
N GLU A 96 12.06 6.45 -1.32
CA GLU A 96 12.22 5.46 -2.42
C GLU A 96 12.64 4.08 -1.82
N ASP A 97 12.22 2.99 -2.43
CA ASP A 97 12.57 1.66 -1.90
C ASP A 97 12.34 0.70 -3.05
N PRO A 98 13.43 0.12 -3.60
CA PRO A 98 13.26 -0.67 -4.81
C PRO A 98 12.21 -1.78 -4.62
N CYS A 99 11.42 -2.02 -5.63
CA CYS A 99 10.34 -2.96 -5.48
C CYS A 99 10.80 -4.40 -5.77
N PHE A 100 11.85 -4.81 -5.10
CA PHE A 100 12.24 -6.23 -5.10
C PHE A 100 12.96 -6.48 -3.78
N ARG A 101 13.16 -7.74 -3.49
CA ARG A 101 13.85 -8.17 -2.32
C ARG A 101 15.39 -8.03 -2.48
N GLU A 102 15.99 -7.08 -1.81
CA GLU A 102 17.43 -6.84 -1.97
C GLU A 102 18.16 -7.87 -1.14
N HIS A 103 19.41 -8.07 -1.44
CA HIS A 103 20.09 -9.16 -0.82
C HIS A 103 20.28 -9.01 0.69
N TRP A 104 20.25 -7.79 1.23
CA TRP A 104 20.41 -7.64 2.68
C TRP A 104 19.27 -8.32 3.42
N VAL A 105 18.11 -8.47 2.79
CA VAL A 105 17.01 -9.24 3.43
C VAL A 105 17.49 -10.62 3.85
N GLU A 106 18.17 -11.31 2.93
CA GLU A 106 18.70 -12.64 3.26
C GLU A 106 19.75 -12.59 4.35
N ALA A 107 20.58 -11.55 4.37
CA ALA A 107 21.56 -11.47 5.45
C ALA A 107 20.85 -11.38 6.86
N TYR A 108 19.87 -10.49 6.98
CA TYR A 108 19.07 -10.40 8.23
C TYR A 108 18.36 -11.69 8.54
N ARG A 109 17.82 -12.31 7.51
CA ARG A 109 17.15 -13.61 7.70
C ARG A 109 18.08 -14.65 8.40
N GLN A 110 19.37 -14.59 8.07
CA GLN A 110 20.38 -15.48 8.70
C GLN A 110 20.90 -14.91 10.03
N GLY A 111 20.39 -13.77 10.44
CA GLY A 111 20.74 -13.25 11.80
C GLY A 111 21.78 -12.17 11.85
N ARG A 112 22.04 -11.51 10.72
CA ARG A 112 22.85 -10.28 10.76
C ARG A 112 22.18 -9.18 11.65
N ILE A 113 23.00 -8.43 12.39
CA ILE A 113 22.54 -7.24 13.12
C ILE A 113 23.40 -6.11 12.60
N GLN A 114 22.80 -4.94 12.31
CA GLN A 114 23.61 -3.75 11.95
C GLN A 114 23.58 -2.82 13.17
N ALA A 115 24.73 -2.44 13.66
CA ALA A 115 24.76 -1.47 14.75
C ALA A 115 25.66 -0.36 14.28
N THR A 116 25.09 0.72 13.77
CA THR A 116 25.91 1.81 13.18
C THR A 116 25.85 3.00 14.10
N THR A 117 27.03 3.49 14.48
CA THR A 117 27.12 4.61 15.39
C THR A 117 26.74 5.91 14.66
N ASP A 118 27.23 6.07 13.42
CA ASP A 118 27.01 7.30 12.65
C ASP A 118 26.94 6.94 11.15
N ILE A 119 25.74 6.98 10.57
CA ILE A 119 25.60 6.51 9.20
C ILE A 119 26.51 7.29 8.21
N PHE A 120 26.90 8.52 8.57
CA PHE A 120 27.77 9.35 7.67
C PHE A 120 29.22 8.89 7.70
N LYS A 121 29.54 7.95 8.60
CA LYS A 121 30.88 7.39 8.69
C LYS A 121 30.92 5.93 8.35
N ALA A 122 29.83 5.37 7.83
CA ALA A 122 29.71 3.93 7.76
C ALA A 122 29.83 3.36 6.34
N GLY A 123 30.21 4.18 5.40
CA GLY A 123 30.30 3.74 3.98
C GLY A 123 28.95 3.33 3.38
N LEU A 124 27.88 4.08 3.68
CA LEU A 124 26.59 3.78 3.07
C LEU A 124 26.54 4.26 1.63
N THR A 125 25.72 3.64 0.78
CA THR A 125 25.50 4.23 -0.55
C THR A 125 24.73 5.58 -0.46
N GLU A 126 24.94 6.42 -1.47
CA GLU A 126 24.17 7.64 -1.56
C GLU A 126 22.65 7.39 -1.50
N CYS A 127 22.19 6.33 -2.15
CA CYS A 127 20.75 6.12 -2.24
C CYS A 127 20.18 5.73 -0.86
N HIS A 128 20.97 4.98 -0.12
CA HIS A 128 20.62 4.60 1.24
C HIS A 128 20.65 5.81 2.14
N LEU A 129 21.72 6.62 2.07
CA LEU A 129 21.73 7.85 2.86
C LEU A 129 20.48 8.70 2.57
N ASN A 130 20.08 8.75 1.32
CA ASN A 130 18.95 9.54 0.93
C ASN A 130 17.64 9.04 1.47
N GLN A 131 17.55 7.76 1.75
CA GLN A 131 16.38 7.19 2.40
C GLN A 131 16.28 7.65 3.90
N LEU A 132 17.43 7.74 4.58
CA LEU A 132 17.46 8.03 6.04
C LEU A 132 17.53 9.55 6.34
N ARG A 133 18.01 10.32 5.35
CA ARG A 133 18.16 11.78 5.49
C ARG A 133 16.90 12.47 5.94
N PRO A 134 15.76 12.15 5.30
CA PRO A 134 14.50 12.87 5.64
C PRO A 134 14.12 12.56 7.08
N LEU A 135 14.62 11.45 7.60
CA LEU A 135 14.27 11.03 8.95
C LEU A 135 15.32 11.56 9.93
N LYS A 136 16.31 12.24 9.40
CA LYS A 136 17.39 12.81 10.20
C LYS A 136 18.14 11.76 11.05
N VAL A 137 18.35 10.57 10.46
CA VAL A 137 19.08 9.52 11.17
C VAL A 137 20.57 9.85 11.34
N ARG A 138 21.13 9.57 12.54
CA ARG A 138 22.58 9.47 12.74
C ARG A 138 22.99 8.04 13.08
N ALA A 139 22.45 7.49 14.16
CA ALA A 139 22.76 6.11 14.58
C ALA A 139 21.65 5.18 14.14
N ASN A 140 22.03 3.96 13.78
CA ASN A 140 21.10 3.07 13.10
C ASN A 140 21.30 1.65 13.64
N LEU A 141 20.30 1.10 14.33
CA LEU A 141 20.42 -0.26 14.90
C LEU A 141 19.35 -1.11 14.31
N VAL A 142 19.75 -2.18 13.66
CA VAL A 142 18.80 -2.99 12.86
C VAL A 142 18.89 -4.47 13.32
N VAL A 143 17.82 -4.99 13.90
CA VAL A 143 17.78 -6.42 14.28
C VAL A 143 16.63 -7.17 13.61
N PRO A 144 16.89 -8.43 13.24
CA PRO A 144 15.83 -9.21 12.57
C PRO A 144 14.77 -9.63 13.55
N MET A 145 13.53 -9.68 13.09
CA MET A 145 12.42 -10.36 13.78
C MET A 145 12.22 -11.68 13.05
N VAL A 146 12.81 -12.75 13.56
CA VAL A 146 13.01 -13.98 12.80
C VAL A 146 12.84 -15.19 13.72
N ILE A 147 12.19 -16.23 13.22
CA ILE A 147 12.13 -17.52 13.96
C ILE A 147 12.39 -18.60 12.96
N ASP A 148 13.39 -19.44 13.23
CA ASP A 148 13.69 -20.57 12.33
C ASP A 148 13.84 -20.06 10.87
N ASP A 149 14.61 -19.00 10.67
CA ASP A 149 14.81 -18.46 9.30
C ASP A 149 13.47 -18.07 8.54
N GLN A 150 12.43 -17.73 9.29
CA GLN A 150 11.32 -17.03 8.71
C GLN A 150 11.39 -15.61 9.25
N LEU A 151 11.67 -14.67 8.35
CA LEU A 151 11.91 -13.27 8.74
C LEU A 151 10.63 -12.45 8.61
N PHE A 152 10.05 -12.08 9.75
CA PHE A 152 8.78 -11.36 9.75
C PHE A 152 9.00 -9.91 9.46
N GLY A 153 10.14 -9.38 9.90
CA GLY A 153 10.44 -7.97 9.68
C GLY A 153 11.76 -7.59 10.27
N LEU A 154 12.01 -6.30 10.31
CA LEU A 154 13.20 -5.79 10.97
C LEU A 154 12.73 -4.83 12.03
N LEU A 155 13.33 -4.92 13.21
CA LEU A 155 13.08 -3.96 14.27
C LEU A 155 14.21 -2.99 14.27
N ILE A 156 13.89 -1.69 14.09
CA ILE A 156 14.90 -0.69 13.80
C ILE A 156 14.85 0.42 14.82
N ALA A 157 16.03 0.81 15.30
CA ALA A 157 16.19 2.00 16.18
C ALA A 157 17.02 3.05 15.50
N HIS A 158 16.62 4.32 15.69
CA HIS A 158 17.41 5.48 15.25
C HIS A 158 17.70 6.37 16.39
N GLN A 159 18.93 6.85 16.45
CA GLN A 159 19.20 8.10 17.18
C GLN A 159 19.39 9.22 16.16
N CYS A 160 18.70 10.36 16.37
CA CYS A 160 18.68 11.41 15.37
C CYS A 160 19.47 12.61 15.86
N SER A 161 19.49 12.80 17.19
CA SER A 161 20.09 14.02 17.78
C SER A 161 21.57 14.03 17.53
N GLU A 162 22.17 12.85 17.43
CA GLU A 162 23.61 12.75 17.37
C GLU A 162 24.01 11.31 17.14
N PRO A 163 25.28 11.07 16.83
CA PRO A 163 25.72 9.68 16.73
C PRO A 163 25.53 8.97 18.07
N ARG A 164 25.41 7.64 18.03
CA ARG A 164 25.23 6.88 19.27
C ARG A 164 25.82 5.48 19.13
N GLN A 165 26.78 5.17 19.99
CA GLN A 165 27.33 3.87 20.00
C GLN A 165 26.41 2.90 20.75
N TRP A 166 25.79 2.00 20.00
CA TRP A 166 24.94 0.96 20.62
C TRP A 166 25.73 0.00 21.48
N GLN A 167 25.31 -0.21 22.74
CA GLN A 167 26.09 -1.08 23.67
C GLN A 167 25.63 -2.54 23.49
N GLU A 168 26.49 -3.49 23.79
CA GLU A 168 26.16 -4.92 23.64
C GLU A 168 24.87 -5.27 24.35
N ILE A 169 24.72 -4.80 25.59
CA ILE A 169 23.52 -5.17 26.38
C ILE A 169 22.22 -4.57 25.72
N GLU A 170 22.33 -3.37 25.11
CA GLU A 170 21.15 -2.78 24.38
C GLU A 170 20.86 -3.63 23.16
N ILE A 171 21.90 -4.02 22.45
CA ILE A 171 21.66 -4.83 21.26
C ILE A 171 20.98 -6.17 21.68
N ASP A 172 21.49 -6.79 22.74
CA ASP A 172 20.92 -8.06 23.26
C ASP A 172 19.45 -7.88 23.65
N GLN A 173 19.17 -6.81 24.42
CA GLN A 173 17.78 -6.62 24.87
C GLN A 173 16.85 -6.29 23.66
N PHE A 174 17.33 -5.50 22.70
CA PHE A 174 16.46 -5.07 21.58
C PHE A 174 16.17 -6.30 20.70
N SER A 175 17.15 -7.13 20.54
CA SER A 175 16.98 -8.23 19.71
C SER A 175 16.14 -9.31 20.44
N GLU A 176 16.24 -9.41 21.77
CA GLU A 176 15.27 -10.29 22.51
C GLU A 176 13.82 -9.82 22.43
N LEU A 177 13.61 -8.51 22.55
CA LEU A 177 12.31 -7.89 22.19
C LEU A 177 11.79 -8.28 20.78
N ALA A 178 12.64 -8.16 19.74
CA ALA A 178 12.29 -8.57 18.38
C ALA A 178 11.89 -10.02 18.34
N SER A 179 12.66 -10.87 19.01
CA SER A 179 12.39 -12.31 19.00
C SER A 179 11.11 -12.65 19.72
N THR A 180 10.87 -12.03 20.86
CA THR A 180 9.59 -12.27 21.53
C THR A 180 8.42 -11.84 20.62
N GLY A 181 8.51 -10.65 20.02
CA GLY A 181 7.47 -10.22 19.07
C GLY A 181 7.28 -11.26 17.94
N SER A 182 8.37 -11.83 17.50
CA SER A 182 8.35 -12.83 16.43
C SER A 182 7.66 -14.10 16.81
N LEU A 183 7.92 -14.56 18.05
CA LEU A 183 7.16 -15.74 18.59
C LEU A 183 5.63 -15.52 18.55
N VAL A 184 5.20 -14.32 18.95
CA VAL A 184 3.78 -14.01 18.93
C VAL A 184 3.23 -13.78 17.49
N LEU A 185 4.03 -13.18 16.60
CA LEU A 185 3.63 -13.13 15.13
C LEU A 185 3.47 -14.52 14.57
N GLU A 186 4.43 -15.41 14.86
CA GLU A 186 4.33 -16.76 14.38
C GLU A 186 3.12 -17.51 14.95
N ARG A 187 2.83 -17.27 16.24
CA ARG A 187 1.70 -17.91 16.88
C ARG A 187 0.34 -17.61 16.17
N LEU A 188 0.15 -16.36 15.74
CA LEU A 188 -0.99 -15.97 14.88
C LEU A 188 -1.36 -17.00 13.83
N HIS A 189 -0.34 -17.50 13.10
CA HIS A 189 -0.55 -18.52 12.06
C HIS A 189 -1.09 -19.78 12.64
N PHE A 190 -0.46 -20.28 13.70
CA PHE A 190 -0.91 -21.53 14.32
C PHE A 190 -2.34 -21.46 14.80
N LEU A 191 -2.81 -20.27 15.11
CA LEU A 191 -3.98 -20.10 15.91
C LEU A 191 -5.02 -19.23 15.21
N ASP B 32 -31.67 18.04 -33.59
CA ASP B 32 -30.88 17.10 -32.82
C ASP B 32 -29.49 16.97 -33.42
N HIS B 33 -28.56 16.53 -32.59
CA HIS B 33 -27.18 16.55 -32.95
C HIS B 33 -26.42 15.73 -32.00
N MET B 34 -25.36 15.03 -32.47
CA MET B 34 -24.47 14.28 -31.60
C MET B 34 -24.00 15.19 -30.49
N ALA B 35 -23.64 14.60 -29.36
CA ALA B 35 -23.17 15.38 -28.22
C ALA B 35 -21.88 16.22 -28.60
N ALA B 36 -21.76 17.41 -28.02
CA ALA B 36 -20.57 18.30 -28.24
C ALA B 36 -19.20 17.65 -27.87
N VAL B 37 -19.16 16.88 -26.79
CA VAL B 37 -17.98 16.02 -26.63
C VAL B 37 -18.31 14.56 -26.41
N GLN B 38 -17.60 13.72 -27.13
CA GLN B 38 -17.88 12.31 -27.15
C GLN B 38 -16.69 11.64 -26.64
N LEU B 39 -16.92 10.61 -25.86
CA LEU B 39 -15.89 9.73 -25.39
C LEU B 39 -15.11 9.19 -26.59
N SER B 40 -15.84 8.74 -27.64
CA SER B 40 -15.21 8.12 -28.80
C SER B 40 -14.29 9.04 -29.55
N GLU B 41 -14.43 10.36 -29.32
CA GLU B 41 -13.62 11.37 -30.08
C GLU B 41 -12.43 11.89 -29.30
N LEU B 42 -12.20 11.35 -28.11
CA LEU B 42 -11.10 11.85 -27.27
C LEU B 42 -9.76 11.30 -27.72
N ARG B 43 -8.73 12.12 -27.63
CA ARG B 43 -7.44 11.76 -28.17
C ARG B 43 -6.39 12.10 -27.16
N ASP B 44 -6.77 12.06 -25.88
CA ASP B 44 -5.83 12.33 -24.80
C ASP B 44 -6.18 11.37 -23.64
N ARG B 45 -5.16 10.65 -23.15
CA ARG B 45 -5.34 9.69 -22.05
C ARG B 45 -6.13 10.25 -20.85
N GLN B 46 -5.64 11.36 -20.30
CA GLN B 46 -6.21 11.86 -19.08
C GLN B 46 -7.67 12.31 -19.30
N ALA B 47 -7.95 12.85 -20.47
CA ALA B 47 -9.31 13.21 -20.86
C ALA B 47 -10.20 11.99 -20.92
N ILE B 48 -9.65 10.88 -21.42
CA ILE B 48 -10.42 9.65 -21.45
C ILE B 48 -10.80 9.19 -20.03
N PHE B 49 -9.82 9.23 -19.12
CA PHE B 49 -10.06 8.80 -17.74
C PHE B 49 -11.06 9.68 -17.05
N GLU B 50 -10.91 10.99 -17.21
CA GLU B 50 -11.83 11.94 -16.57
C GLU B 50 -13.25 11.86 -17.12
N THR B 51 -13.41 11.55 -18.40
CA THR B 51 -14.79 11.38 -18.87
C THR B 51 -15.38 10.00 -18.52
N LEU B 52 -14.52 9.01 -18.32
CA LEU B 52 -14.98 7.67 -17.87
C LEU B 52 -15.61 7.77 -16.48
N VAL B 53 -14.93 8.48 -15.65
CA VAL B 53 -15.26 8.61 -14.24
C VAL B 53 -16.55 9.51 -14.07
N ALA B 54 -16.64 10.59 -14.87
CA ALA B 54 -17.85 11.46 -14.89
C ALA B 54 -19.06 10.73 -15.41
N LYS B 55 -18.92 10.04 -16.56
CA LYS B 55 -20.00 9.29 -17.14
C LYS B 55 -20.38 8.11 -16.27
N GLY B 56 -19.39 7.44 -15.69
CA GLY B 56 -19.68 6.27 -14.82
C GLY B 56 -20.48 6.69 -13.58
N ARG B 57 -20.13 7.82 -12.97
CA ARG B 57 -20.85 8.22 -11.76
C ARG B 57 -22.28 8.70 -12.08
N GLU B 58 -22.43 9.34 -13.22
CA GLU B 58 -23.77 9.70 -13.69
C GLU B 58 -24.60 8.44 -14.03
N LEU B 59 -23.99 7.46 -14.71
CA LEU B 59 -24.71 6.25 -15.08
C LEU B 59 -25.35 5.58 -13.82
N LEU B 60 -24.55 5.46 -12.78
CA LEU B 60 -24.88 4.63 -11.64
C LEU B 60 -25.51 5.45 -10.53
N ALA B 61 -25.30 6.75 -10.57
CA ALA B 61 -25.63 7.63 -9.45
C ALA B 61 -25.08 7.07 -8.15
N CYS B 62 -23.80 6.76 -8.14
CA CYS B 62 -23.18 6.19 -6.97
C CYS B 62 -22.32 7.28 -6.29
N ASP B 63 -21.58 6.93 -5.25
CA ASP B 63 -20.84 7.94 -4.52
C ASP B 63 -19.50 8.29 -5.13
N ARG B 64 -18.85 7.33 -5.79
CA ARG B 64 -17.52 7.56 -6.36
C ARG B 64 -17.34 6.67 -7.54
N VAL B 65 -16.67 7.17 -8.56
CA VAL B 65 -16.14 6.30 -9.61
C VAL B 65 -14.70 6.63 -9.83
N ILE B 66 -13.84 5.60 -9.85
CA ILE B 66 -12.43 5.83 -10.16
C ILE B 66 -11.96 5.03 -11.36
N VAL B 67 -10.86 5.51 -11.99
CA VAL B 67 -10.08 4.67 -12.86
C VAL B 67 -8.75 4.38 -12.18
N TYR B 68 -8.47 3.08 -12.00
CA TYR B 68 -7.19 2.60 -11.57
C TYR B 68 -6.42 2.07 -12.81
N ALA B 69 -5.51 2.88 -13.35
CA ALA B 69 -4.87 2.58 -14.64
C ALA B 69 -3.50 1.90 -14.45
N PHE B 70 -3.19 0.95 -15.33
CA PHE B 70 -1.95 0.25 -15.28
C PHE B 70 -0.90 0.86 -16.19
N ASP B 71 0.30 1.08 -15.66
CA ASP B 71 1.41 1.52 -16.52
C ASP B 71 2.03 0.30 -17.27
N ASP B 72 3.17 0.49 -17.92
CA ASP B 72 3.76 -0.56 -18.74
C ASP B 72 4.35 -1.71 -17.89
N ASN B 73 4.54 -1.46 -16.59
CA ASN B 73 5.00 -2.52 -15.67
C ASN B 73 3.91 -3.02 -14.76
N TYR B 74 2.67 -2.85 -15.19
CA TYR B 74 1.53 -3.48 -14.51
C TYR B 74 1.31 -2.92 -13.13
N VAL B 75 1.98 -1.80 -12.86
CA VAL B 75 1.73 -1.02 -11.63
C VAL B 75 0.47 -0.15 -11.84
N GLY B 76 -0.46 -0.24 -10.91
CA GLY B 76 -1.71 0.51 -11.02
C GLY B 76 -1.73 1.74 -10.10
N THR B 77 -2.45 2.76 -10.53
CA THR B 77 -2.46 4.08 -9.92
C THR B 77 -3.92 4.61 -10.11
N VAL B 78 -4.49 5.22 -9.08
CA VAL B 78 -5.73 5.98 -9.26
C VAL B 78 -5.48 7.26 -10.09
N VAL B 79 -5.93 7.30 -11.34
CA VAL B 79 -5.57 8.45 -12.22
C VAL B 79 -6.75 9.43 -12.37
N ALA B 80 -7.92 9.02 -11.91
CA ALA B 80 -9.12 9.88 -12.02
C ALA B 80 -10.21 9.43 -11.09
N GLU B 81 -10.99 10.41 -10.63
CA GLU B 81 -12.01 10.18 -9.64
C GLU B 81 -13.16 11.18 -9.87
N SER B 82 -14.36 10.70 -9.75
CA SER B 82 -15.49 11.61 -9.65
C SER B 82 -16.23 11.17 -8.42
N VAL B 83 -16.41 12.10 -7.49
CA VAL B 83 -17.01 11.76 -6.19
C VAL B 83 -18.13 12.76 -5.80
N ALA B 84 -19.29 12.22 -5.37
CA ALA B 84 -20.40 13.04 -4.84
C ALA B 84 -19.94 13.94 -3.65
N GLU B 85 -20.59 15.09 -3.50
CA GLU B 85 -20.22 16.07 -2.48
C GLU B 85 -20.11 15.40 -1.10
N GLY B 86 -19.09 15.75 -0.33
CA GLY B 86 -19.02 15.37 1.08
C GLY B 86 -18.37 14.00 1.38
N TRP B 87 -18.04 13.25 0.33
CA TRP B 87 -17.27 12.01 0.53
C TRP B 87 -15.79 12.24 0.26
N PRO B 88 -14.93 11.39 0.83
CA PRO B 88 -13.49 11.64 0.74
C PRO B 88 -12.94 11.45 -0.67
N GLN B 89 -11.89 12.21 -0.97
CA GLN B 89 -11.20 12.10 -2.24
C GLN B 89 -9.99 11.18 -2.08
N ALA B 90 -9.82 10.27 -3.05
CA ALA B 90 -8.68 9.33 -3.03
C ALA B 90 -7.36 10.04 -2.80
N ARG B 91 -7.16 11.17 -3.48
CA ARG B 91 -5.84 11.84 -3.47
C ARG B 91 -5.58 12.58 -2.15
N ASP B 92 -6.62 12.73 -1.35
CA ASP B 92 -6.54 13.31 -0.03
C ASP B 92 -6.07 12.30 1.02
N GLN B 93 -5.94 11.02 0.62
CA GLN B 93 -5.61 9.97 1.62
C GLN B 93 -4.27 9.40 1.32
N VAL B 94 -3.72 8.68 2.30
CA VAL B 94 -2.60 7.79 2.05
C VAL B 94 -3.15 6.36 2.08
N ILE B 95 -3.21 5.74 0.91
CA ILE B 95 -3.67 4.37 0.79
C ILE B 95 -2.49 3.47 0.44
N GLU B 96 -2.26 2.46 1.27
CA GLU B 96 -1.19 1.49 1.03
C GLU B 96 -1.54 0.61 -0.16
N ASP B 97 -0.52 0.24 -0.94
CA ASP B 97 -0.73 -0.48 -2.16
C ASP B 97 0.62 -1.07 -2.52
N PRO B 98 0.74 -2.41 -2.40
CA PRO B 98 2.03 -3.08 -2.67
C PRO B 98 2.61 -2.60 -3.99
N CYS B 99 3.90 -2.26 -3.98
CA CYS B 99 4.56 -1.68 -5.15
C CYS B 99 4.49 -2.58 -6.40
N PHE B 100 4.28 -3.90 -6.20
CA PHE B 100 4.35 -4.87 -7.35
C PHE B 100 2.96 -5.26 -7.83
N ARG B 101 2.92 -5.84 -9.04
CA ARG B 101 1.63 -6.32 -9.61
C ARG B 101 1.17 -7.56 -8.82
N GLU B 102 -0.01 -7.49 -8.18
CA GLU B 102 -0.48 -8.68 -7.43
C GLU B 102 -1.17 -9.67 -8.32
N HIS B 103 -1.38 -10.85 -7.77
CA HIS B 103 -1.98 -11.95 -8.52
C HIS B 103 -3.40 -11.63 -8.91
N TRP B 104 -4.12 -10.83 -8.11
CA TRP B 104 -5.52 -10.61 -8.36
C TRP B 104 -5.74 -9.89 -9.68
N VAL B 105 -4.69 -9.22 -10.19
CA VAL B 105 -4.74 -8.52 -11.48
C VAL B 105 -5.10 -9.45 -12.69
N GLU B 106 -4.61 -10.69 -12.65
CA GLU B 106 -4.80 -11.63 -13.77
C GLU B 106 -6.27 -11.97 -14.01
N ALA B 107 -7.02 -12.20 -12.92
CA ALA B 107 -8.46 -12.42 -13.03
C ALA B 107 -9.17 -11.28 -13.83
N TYR B 108 -8.83 -10.01 -13.54
CA TYR B 108 -9.44 -8.86 -14.30
C TYR B 108 -8.97 -8.85 -15.76
N ARG B 109 -7.68 -9.10 -15.97
CA ARG B 109 -7.15 -9.22 -17.35
C ARG B 109 -7.98 -10.23 -18.13
N GLN B 110 -8.39 -11.30 -17.45
CA GLN B 110 -9.16 -12.35 -18.09
C GLN B 110 -10.67 -12.07 -18.16
N GLY B 111 -11.11 -10.90 -17.70
CA GLY B 111 -12.52 -10.52 -17.81
C GLY B 111 -13.36 -10.59 -16.52
N ARG B 112 -12.73 -10.87 -15.41
CA ARG B 112 -13.54 -11.01 -14.18
C ARG B 112 -14.20 -9.65 -13.83
N ILE B 113 -15.41 -9.71 -13.29
CA ILE B 113 -16.06 -8.53 -12.67
C ILE B 113 -16.28 -8.86 -11.20
N GLN B 114 -16.02 -7.90 -10.31
CA GLN B 114 -16.37 -8.07 -8.89
C GLN B 114 -17.51 -7.13 -8.56
N ALA B 115 -18.61 -7.68 -8.01
CA ALA B 115 -19.73 -6.88 -7.62
C ALA B 115 -20.02 -7.16 -6.19
N THR B 116 -19.68 -6.22 -5.31
CA THR B 116 -19.78 -6.50 -3.85
C THR B 116 -20.80 -5.58 -3.20
N THR B 117 -21.78 -6.20 -2.54
CA THR B 117 -22.84 -5.47 -1.95
C THR B 117 -22.38 -4.72 -0.67
N ASP B 118 -21.60 -5.39 0.17
CA ASP B 118 -21.11 -4.79 1.38
C ASP B 118 -19.73 -5.36 1.65
N ILE B 119 -18.70 -4.52 1.52
CA ILE B 119 -17.31 -5.00 1.63
C ILE B 119 -17.00 -5.64 3.00
N PHE B 120 -17.77 -5.27 4.04
CA PHE B 120 -17.54 -5.82 5.40
C PHE B 120 -18.13 -7.21 5.58
N LYS B 121 -18.79 -7.72 4.55
CA LYS B 121 -19.37 -9.05 4.60
C LYS B 121 -18.99 -9.82 3.36
N ALA B 122 -17.83 -9.56 2.81
CA ALA B 122 -17.47 -10.23 1.59
C ALA B 122 -16.23 -11.09 1.75
N GLY B 123 -15.77 -11.25 2.98
CA GLY B 123 -14.53 -12.01 3.25
C GLY B 123 -13.30 -11.43 2.53
N LEU B 124 -13.16 -10.10 2.59
CA LEU B 124 -11.96 -9.44 2.10
C LEU B 124 -10.92 -9.48 3.19
N THR B 125 -9.65 -9.39 2.81
CA THR B 125 -8.55 -9.39 3.78
C THR B 125 -8.54 -8.06 4.52
N GLU B 126 -8.00 -8.06 5.72
CA GLU B 126 -7.94 -6.86 6.51
C GLU B 126 -7.20 -5.74 5.75
N CYS B 127 -6.10 -6.09 5.08
CA CYS B 127 -5.34 -5.07 4.38
C CYS B 127 -6.19 -4.42 3.26
N HIS B 128 -6.93 -5.26 2.54
CA HIS B 128 -7.85 -4.77 1.48
C HIS B 128 -8.95 -3.85 2.07
N LEU B 129 -9.55 -4.30 3.19
CA LEU B 129 -10.51 -3.44 3.94
C LEU B 129 -9.91 -2.10 4.30
N ASN B 130 -8.64 -2.11 4.70
CA ASN B 130 -7.97 -0.87 5.14
C ASN B 130 -7.59 0.05 3.99
N GLN B 131 -7.64 -0.47 2.77
CA GLN B 131 -7.51 0.41 1.62
C GLN B 131 -8.84 1.20 1.37
N LEU B 132 -9.96 0.59 1.73
CA LEU B 132 -11.29 1.16 1.39
C LEU B 132 -11.92 2.00 2.54
N ARG B 133 -11.46 1.76 3.77
CA ARG B 133 -12.06 2.39 4.96
C ARG B 133 -12.01 3.92 4.89
N PRO B 134 -10.83 4.47 4.56
CA PRO B 134 -10.61 5.91 4.41
C PRO B 134 -11.53 6.53 3.36
N LEU B 135 -11.94 5.74 2.37
CA LEU B 135 -12.85 6.22 1.31
C LEU B 135 -14.31 5.99 1.70
N LYS B 136 -14.49 5.32 2.86
CA LYS B 136 -15.81 5.03 3.43
C LYS B 136 -16.70 4.24 2.47
N VAL B 137 -16.06 3.38 1.69
CA VAL B 137 -16.75 2.44 0.82
C VAL B 137 -17.67 1.48 1.63
N ARG B 138 -18.87 1.25 1.10
CA ARG B 138 -19.68 0.06 1.49
C ARG B 138 -19.84 -0.94 0.31
N ALA B 139 -20.34 -0.46 -0.83
CA ALA B 139 -20.52 -1.32 -2.01
C ALA B 139 -19.41 -1.07 -2.97
N ASN B 140 -19.05 -2.10 -3.74
CA ASN B 140 -17.82 -2.07 -4.57
C ASN B 140 -18.05 -2.84 -5.85
N LEU B 141 -17.99 -2.13 -6.98
CA LEU B 141 -18.16 -2.71 -8.31
C LEU B 141 -16.91 -2.44 -9.13
N VAL B 142 -16.34 -3.49 -9.70
CA VAL B 142 -14.99 -3.39 -10.36
C VAL B 142 -15.08 -4.06 -11.70
N VAL B 143 -14.92 -3.28 -12.78
CA VAL B 143 -14.97 -3.89 -14.11
C VAL B 143 -13.69 -3.62 -14.84
N PRO B 144 -13.25 -4.57 -15.69
CA PRO B 144 -11.91 -4.35 -16.30
C PRO B 144 -12.04 -3.49 -17.53
N MET B 145 -11.03 -2.67 -17.79
CA MET B 145 -10.92 -1.99 -19.05
C MET B 145 -9.92 -2.80 -19.89
N VAL B 146 -10.41 -3.67 -20.75
CA VAL B 146 -9.58 -4.68 -21.37
C VAL B 146 -10.01 -4.88 -22.82
N ILE B 147 -9.03 -4.98 -23.71
CA ILE B 147 -9.27 -5.39 -25.10
C ILE B 147 -8.21 -6.44 -25.44
N ASP B 148 -8.63 -7.60 -25.92
CA ASP B 148 -7.69 -8.61 -26.45
C ASP B 148 -6.54 -8.87 -25.45
N ASP B 149 -6.87 -9.13 -24.21
CA ASP B 149 -5.82 -9.43 -23.23
C ASP B 149 -4.86 -8.24 -22.88
N GLN B 150 -5.14 -7.03 -23.39
CA GLN B 150 -4.48 -5.85 -22.86
C GLN B 150 -5.36 -5.14 -21.80
N LEU B 151 -4.93 -5.21 -20.54
CA LEU B 151 -5.68 -4.63 -19.42
C LEU B 151 -5.25 -3.19 -19.16
N PHE B 152 -6.06 -2.21 -19.62
CA PHE B 152 -5.69 -0.79 -19.49
C PHE B 152 -5.87 -0.29 -18.06
N GLY B 153 -6.82 -0.89 -17.38
CA GLY B 153 -7.18 -0.43 -16.03
C GLY B 153 -8.40 -1.11 -15.53
N LEU B 154 -8.88 -0.63 -14.38
CA LEU B 154 -10.12 -1.05 -13.82
C LEU B 154 -11.00 0.19 -13.66
N LEU B 155 -12.27 0.07 -14.02
CA LEU B 155 -13.24 1.14 -13.75
C LEU B 155 -14.00 0.73 -12.53
N ILE B 156 -13.97 1.57 -11.52
CA ILE B 156 -14.47 1.19 -10.22
C ILE B 156 -15.54 2.13 -9.71
N ALA B 157 -16.63 1.56 -9.20
CA ALA B 157 -17.70 2.33 -8.50
C ALA B 157 -17.86 1.97 -6.99
N HIS B 158 -18.06 3.00 -6.17
CA HIS B 158 -18.28 2.85 -4.75
C HIS B 158 -19.62 3.45 -4.43
N GLN B 159 -20.40 2.73 -3.64
CA GLN B 159 -21.40 3.38 -2.78
C GLN B 159 -20.87 3.49 -1.35
N CYS B 160 -20.86 4.73 -0.82
CA CYS B 160 -20.36 5.04 0.53
C CYS B 160 -21.48 5.23 1.56
N SER B 161 -22.63 5.72 1.11
CA SER B 161 -23.74 6.04 2.02
C SER B 161 -24.39 4.79 2.66
N GLU B 162 -24.23 3.64 2.03
CA GLU B 162 -24.96 2.42 2.43
C GLU B 162 -24.49 1.23 1.59
N PRO B 163 -24.66 -0.01 2.09
CA PRO B 163 -24.49 -1.15 1.16
C PRO B 163 -25.47 -1.03 -0.04
N ARG B 164 -25.18 -1.75 -1.13
CA ARG B 164 -25.95 -1.56 -2.41
C ARG B 164 -25.68 -2.74 -3.31
N GLN B 165 -26.73 -3.46 -3.70
CA GLN B 165 -26.56 -4.65 -4.56
C GLN B 165 -26.58 -4.21 -5.99
N TRP B 166 -25.45 -4.36 -6.67
CA TRP B 166 -25.35 -3.93 -8.07
C TRP B 166 -26.23 -4.77 -8.92
N GLN B 167 -27.01 -4.13 -9.78
CA GLN B 167 -27.98 -4.82 -10.62
C GLN B 167 -27.31 -5.31 -11.91
N GLU B 168 -27.86 -6.34 -12.54
CA GLU B 168 -27.26 -6.84 -13.84
C GLU B 168 -27.24 -5.75 -14.91
N ILE B 169 -28.33 -4.96 -15.03
CA ILE B 169 -28.38 -3.84 -15.98
C ILE B 169 -27.24 -2.83 -15.72
N GLU B 170 -27.01 -2.51 -14.45
CA GLU B 170 -25.97 -1.56 -14.10
C GLU B 170 -24.62 -2.14 -14.46
N ILE B 171 -24.37 -3.39 -14.08
CA ILE B 171 -23.10 -4.04 -14.36
C ILE B 171 -22.81 -4.08 -15.91
N ASP B 172 -23.83 -4.41 -16.70
CA ASP B 172 -23.65 -4.45 -18.18
C ASP B 172 -23.34 -3.07 -18.75
N GLN B 173 -24.05 -2.06 -18.27
CA GLN B 173 -23.84 -0.71 -18.78
C GLN B 173 -22.47 -0.17 -18.34
N PHE B 174 -22.10 -0.43 -17.11
CA PHE B 174 -20.82 0.05 -16.59
C PHE B 174 -19.67 -0.63 -17.35
N SER B 175 -19.84 -1.91 -17.60
CA SER B 175 -18.87 -2.69 -18.34
C SER B 175 -18.76 -2.29 -19.84
N GLU B 176 -19.89 -1.92 -20.45
CA GLU B 176 -19.87 -1.36 -21.81
C GLU B 176 -19.13 -0.04 -21.87
N LEU B 177 -19.34 0.83 -20.86
CA LEU B 177 -18.58 2.09 -20.77
C LEU B 177 -17.06 1.80 -20.69
N ALA B 178 -16.68 0.90 -19.80
CA ALA B 178 -15.28 0.49 -19.65
C ALA B 178 -14.71 -0.01 -20.99
N SER B 179 -15.48 -0.79 -21.75
CA SER B 179 -14.98 -1.31 -23.03
C SER B 179 -14.86 -0.21 -24.06
N THR B 180 -15.84 0.69 -24.09
CA THR B 180 -15.71 1.86 -24.98
C THR B 180 -14.46 2.72 -24.62
N GLY B 181 -14.21 2.93 -23.34
CA GLY B 181 -13.00 3.67 -22.95
C GLY B 181 -11.73 2.94 -23.44
N SER B 182 -11.77 1.63 -23.37
CA SER B 182 -10.62 0.80 -23.77
C SER B 182 -10.34 0.87 -25.23
N LEU B 183 -11.40 0.86 -26.04
CA LEU B 183 -11.23 1.09 -27.50
C LEU B 183 -10.53 2.41 -27.81
N VAL B 184 -10.85 3.47 -27.03
CA VAL B 184 -10.25 4.79 -27.28
C VAL B 184 -8.82 4.88 -26.78
N LEU B 185 -8.54 4.27 -25.63
CA LEU B 185 -7.11 4.09 -25.18
C LEU B 185 -6.27 3.31 -26.17
N GLU B 186 -6.79 2.20 -26.66
CA GLU B 186 -6.10 1.42 -27.71
C GLU B 186 -5.82 2.30 -28.93
N ARG B 187 -6.84 3.00 -29.40
CA ARG B 187 -6.70 3.84 -30.60
C ARG B 187 -5.55 4.84 -30.48
N LEU B 188 -5.38 5.38 -29.30
CA LEU B 188 -4.27 6.31 -29.05
C LEU B 188 -2.89 5.74 -29.41
N HIS B 189 -2.67 4.46 -29.08
CA HIS B 189 -1.46 3.73 -29.49
C HIS B 189 -1.28 3.74 -30.97
N PHE B 190 -2.32 3.33 -31.70
CA PHE B 190 -2.28 3.33 -33.17
C PHE B 190 -2.05 4.71 -33.77
N LEU B 191 -2.49 5.76 -33.07
CA LEU B 191 -2.59 7.09 -33.69
C LEU B 191 -1.31 7.96 -33.53
C32 PVG C . 16.30 3.92 -2.79
C31 PVG C . 17.78 3.59 -2.60
C3 PVG C . 18.14 2.14 -2.92
C2 PVG C . 18.57 1.60 -4.11
C21 PVG C . 18.44 2.25 -5.54
C1 PVG C . 18.97 0.28 -3.87
O1 PVG C . 19.21 -0.55 -4.76
N1 PVG C . 18.89 -0.01 -2.57
C4 PVG C . 18.85 1.27 -1.95
C5 PVG C . 19.73 1.74 -0.79
C6 PVG C . 19.85 0.70 0.27
N2 PVG C . 19.03 0.60 1.34
C7 PVG C . 20.88 -0.20 0.42
C41 PVG C . 22.04 -0.41 -0.58
C8 PVG C . 20.68 -0.91 1.59
C51 PVG C . 21.62 -2.04 2.14
C52 PVG C . 22.64 -1.39 3.13
C53 PVG C . 23.56 -2.46 3.64
O55 PVG C . 23.15 -3.19 4.58
O54 PVG C . 24.52 -2.70 2.92
C9 PVG C . 19.49 -0.40 2.16
C10 PVG C . 18.98 -0.86 3.40
C11 PVG C . 17.61 -0.60 3.72
N3 PVG C . 16.70 0.02 2.95
C12 PVG C . 16.98 -0.95 4.93
C61 PVG C . 17.54 -1.76 6.10
C62 PVG C . 17.75 -0.86 7.38
C63 PVG C . 18.95 0.05 7.15
O65 PVG C . 18.72 1.28 7.15
O64 PVG C . 20.01 -0.51 6.79
C13 PVG C . 15.69 -0.49 4.84
C71 PVG C . 14.60 -0.73 5.97
C14 PVG C . 15.56 0.18 3.62
C15 PVG C . 14.36 0.74 3.10
C16 PVG C . 13.43 1.63 3.67
C17 PVG C . 13.71 2.50 4.76
C81 PVG C . 15.00 2.61 5.55
C18 PVG C . 12.55 3.21 5.06
C91 PVG C . 12.34 4.31 6.16
C92 PVG C . 12.59 3.70 7.63
C19 PVG C . 11.63 2.82 4.08
O19 PVG C . 10.49 3.26 4.01
N4 PVG C . 12.16 1.92 3.23
S SO4 D . 8.24 11.73 23.94
O1 SO4 D . 7.38 12.13 22.80
O2 SO4 D . 9.60 12.37 23.77
O3 SO4 D . 7.63 12.16 25.22
O4 SO4 D . 8.32 10.26 24.04
S SO4 E . 32.05 2.51 16.54
O1 SO4 E . 31.62 1.08 16.44
O2 SO4 E . 31.93 3.16 15.19
O3 SO4 E . 31.23 3.25 17.52
O4 SO4 E . 33.47 2.57 16.97
S SO4 F . 28.34 15.81 14.92
O1 SO4 F . 29.29 16.95 14.98
O2 SO4 F . 27.36 16.11 13.85
O3 SO4 F . 27.62 15.66 16.23
O4 SO4 F . 29.09 14.55 14.61
C32 PVG G . -1.99 -2.78 1.38
C31 PVG G . -3.05 -3.91 1.35
C3 PVG G . -2.63 -5.12 0.51
C2 PVG G . -1.62 -6.07 0.71
C21 PVG G . -0.51 -6.02 1.81
C1 PVG G . -1.72 -7.00 -0.34
O1 PVG G . -0.96 -7.94 -0.52
N1 PVG G . -2.76 -6.74 -1.16
C4 PVG G . -3.60 -5.88 -0.36
C5 PVG G . -5.08 -5.92 -0.24
C6 PVG G . -5.76 -6.27 -1.54
N2 PVG G . -6.26 -5.37 -2.40
C7 PVG G . -6.12 -7.54 -1.98
C41 PVG G . -5.75 -8.91 -1.27
C8 PVG G . -6.80 -7.40 -3.17
C51 PVG G . -7.39 -8.54 -4.01
C52 PVG G . -8.73 -8.96 -3.43
C53 PVG G . -9.47 -9.89 -4.40
O55 PVG G . -10.21 -9.36 -5.25
O54 PVG G . -9.33 -11.09 -4.24
C9 PVG G . -6.92 -6.01 -3.39
C10 PVG G . -7.51 -5.46 -4.53
C11 PVG G . -7.25 -4.12 -4.83
N3 PVG G . -6.37 -3.26 -4.25
C12 PVG G . -7.92 -3.44 -5.87
C61 PVG G . -8.96 -4.02 -6.84
C62 PVG G . -10.36 -3.39 -6.63
C63 PVG G . -10.98 -3.86 -5.31
O65 PVG G . -11.22 -2.97 -4.43
O64 PVG G . -11.11 -5.10 -5.16
C13 PVG G . -7.41 -2.14 -5.86
C71 PVG G . -7.85 -1.06 -6.89
C14 PVG G . -6.42 -2.06 -4.83
C15 PVG G . -5.60 -0.95 -4.56
C16 PVG G . -5.92 0.41 -4.37
C17 PVG G . -7.22 0.92 -4.05
C81 PVG G . -8.51 0.11 -3.80
C18 PVG G . -7.10 2.30 -3.90
C91 PVG G . -8.15 3.33 -3.58
C92 PVG G . -9.35 3.22 -4.55
C19 PVG G . -5.75 2.58 -4.18
O19 PVG G . -5.26 3.71 -4.17
N4 PVG G . -5.07 1.48 -4.44
S SO4 H . -22.76 15.99 -6.69
O1 SO4 H . -21.75 16.34 -7.75
O2 SO4 H . -23.84 17.00 -6.73
O3 SO4 H . -22.06 16.02 -5.38
O4 SO4 H . -23.37 14.66 -6.89
#